data_4UUU
#
_entry.id   4UUU
#
_cell.length_a   39.850
_cell.length_b   78.650
_cell.length_c   90.800
_cell.angle_alpha   90.00
_cell.angle_beta   90.00
_cell.angle_gamma   90.00
#
_symmetry.space_group_name_H-M   'P 21 21 21'
#
loop_
_entity.id
_entity.type
_entity.pdbx_description
1 polymer 'CYSTATHIONINE BETA-SYNTHASE'
2 non-polymer S-ADENOSYLMETHIONINE
3 non-polymer 1,2-ETHANEDIOL
4 water water
#
_entity_poly.entity_id   1
_entity_poly.type   'polypeptide(L)'
_entity_poly.pdbx_seq_one_letter_code
;MHHHHHHSSGVDLGTENLYFQSMKPWWWHLRVQELGLSAPLTVLPTITCGHTIEILREKGFDQAPVVDEAGVILGMVTLG
NMLSSLLAGKVQPSDQVGKVIYKQFKQIRLTDTLGRLSHILEMDHFALVVHEQQRQMVFGVVTAIDLLNFVAAQE
;
_entity_poly.pdbx_strand_id   A,B
#
# COMPACT_ATOMS: atom_id res chain seq x y z
N ASN A 17 -0.95 35.45 18.84
CA ASN A 17 -1.03 34.30 17.87
C ASN A 17 -0.83 34.71 16.40
N LEU A 18 0.02 33.96 15.69
CA LEU A 18 0.36 34.26 14.30
C LEU A 18 -0.13 33.13 13.49
N TYR A 19 -0.74 33.42 12.35
CA TYR A 19 -1.29 32.41 11.50
C TYR A 19 -0.61 32.41 10.13
N PHE A 20 -0.64 31.26 9.51
CA PHE A 20 -0.15 31.06 8.17
C PHE A 20 -1.22 30.38 7.35
N GLN A 21 -1.51 30.93 6.17
CA GLN A 21 -2.35 30.27 5.19
C GLN A 21 -1.55 30.03 3.87
N SER A 22 -1.35 28.79 3.49
CA SER A 22 -0.62 28.48 2.25
C SER A 22 -1.38 28.92 1.01
N MET A 23 -0.64 29.11 -0.09
CA MET A 23 -1.25 29.41 -1.37
C MET A 23 -1.65 28.03 -1.95
N LYS A 24 -2.86 27.93 -2.46
CA LYS A 24 -3.37 26.58 -2.82
C LYS A 24 -3.26 26.31 -4.35
N PRO A 25 -2.96 25.05 -4.75
CA PRO A 25 -2.94 24.78 -6.20
C PRO A 25 -4.34 24.76 -6.78
N TRP A 26 -4.38 24.71 -8.11
CA TRP A 26 -5.62 24.84 -8.87
C TRP A 26 -6.65 23.85 -8.46
N TRP A 27 -6.20 22.67 -8.05
CA TRP A 27 -7.10 21.54 -7.83
C TRP A 27 -7.70 21.51 -6.43
N TRP A 28 -7.19 22.37 -5.57
CA TRP A 28 -7.39 22.23 -4.15
C TRP A 28 -8.85 22.24 -3.77
N HIS A 29 -9.70 23.03 -4.43
CA HIS A 29 -11.06 23.23 -4.00
C HIS A 29 -12.00 22.46 -4.88
N LEU A 30 -11.44 21.70 -5.80
CA LEU A 30 -12.24 20.77 -6.57
C LEU A 30 -12.59 19.61 -5.70
N ARG A 31 -13.63 18.84 -6.09
CA ARG A 31 -14.26 17.87 -5.21
C ARG A 31 -13.90 16.45 -5.63
N VAL A 32 -13.97 15.54 -4.65
CA VAL A 32 -13.65 14.18 -4.79
C VAL A 32 -14.40 13.57 -5.97
N GLN A 33 -15.60 14.08 -6.24
CA GLN A 33 -16.39 13.52 -7.36
C GLN A 33 -15.74 13.79 -8.71
N GLU A 34 -14.80 14.74 -8.77
CA GLU A 34 -14.11 14.92 -10.02
C GLU A 34 -13.19 13.77 -10.42
N LEU A 35 -12.80 12.92 -9.46
CA LEU A 35 -11.81 11.90 -9.78
C LEU A 35 -12.30 10.78 -10.68
N GLY A 36 -13.60 10.58 -10.72
CA GLY A 36 -14.19 9.50 -11.54
C GLY A 36 -13.99 8.09 -11.00
N LEU A 37 -14.18 7.93 -9.70
CA LEU A 37 -13.90 6.68 -9.04
C LEU A 37 -14.92 5.63 -9.47
N SER A 38 -14.46 4.39 -9.59
CA SER A 38 -15.30 3.25 -9.80
C SER A 38 -15.95 2.80 -8.47
N ALA A 39 -16.97 1.95 -8.62
CA ALA A 39 -17.61 1.29 -7.48
C ALA A 39 -16.55 0.39 -6.87
N PRO A 40 -16.60 0.24 -5.54
CA PRO A 40 -15.60 -0.59 -4.85
C PRO A 40 -15.83 -2.10 -5.11
N LEU A 41 -14.75 -2.86 -5.06
CA LEU A 41 -14.78 -4.30 -4.84
C LEU A 41 -14.91 -4.50 -3.34
N THR A 42 -15.91 -5.28 -2.94
CA THR A 42 -16.17 -5.56 -1.54
C THR A 42 -16.18 -7.09 -1.37
N VAL A 43 -16.01 -7.54 -0.15
CA VAL A 43 -16.10 -8.95 0.19
C VAL A 43 -17.04 -9.18 1.37
N LEU A 44 -17.63 -10.37 1.42
CA LEU A 44 -18.42 -10.78 2.57
C LEU A 44 -17.47 -11.26 3.68
N PRO A 45 -17.95 -11.26 4.92
CA PRO A 45 -17.10 -11.61 6.06
C PRO A 45 -16.85 -13.10 6.15
N THR A 46 -17.52 -13.87 5.29
CA THR A 46 -17.54 -15.34 5.40
C THR A 46 -16.63 -15.98 4.39
N ILE A 47 -16.01 -15.20 3.49
CA ILE A 47 -15.01 -15.81 2.61
C ILE A 47 -13.70 -15.90 3.43
N THR A 48 -12.81 -16.79 3.02
CA THR A 48 -11.60 -17.03 3.85
C THR A 48 -10.62 -15.87 3.64
N CYS A 49 -9.66 -15.76 4.54
CA CYS A 49 -8.54 -14.87 4.35
C CYS A 49 -7.71 -15.20 3.10
N GLY A 50 -7.53 -16.47 2.84
CA GLY A 50 -6.83 -16.90 1.66
C GLY A 50 -7.52 -16.51 0.38
N HIS A 51 -8.84 -16.66 0.34
CA HIS A 51 -9.62 -16.23 -0.76
C HIS A 51 -9.53 -14.71 -0.95
N THR A 52 -9.48 -14.00 0.16
CA THR A 52 -9.39 -12.53 0.12
C THR A 52 -8.01 -12.11 -0.42
N ILE A 53 -6.98 -12.82 0.03
CA ILE A 53 -5.61 -12.58 -0.49
C ILE A 53 -5.52 -12.84 -2.02
N GLU A 54 -6.22 -13.85 -2.52
CA GLU A 54 -6.18 -14.08 -3.99
C GLU A 54 -6.88 -12.96 -4.75
N ILE A 55 -8.00 -12.49 -4.19
CA ILE A 55 -8.77 -11.43 -4.79
C ILE A 55 -7.98 -10.14 -4.85
N LEU A 56 -7.44 -9.78 -3.71
CA LEU A 56 -6.60 -8.59 -3.65
C LEU A 56 -5.34 -8.67 -4.50
N ARG A 57 -4.74 -9.88 -4.60
CA ARG A 57 -3.59 -10.11 -5.45
C ARG A 57 -3.92 -9.92 -6.94
N GLU A 58 -5.05 -10.49 -7.36
CA GLU A 58 -5.50 -10.42 -8.74
C GLU A 58 -5.71 -8.97 -9.17
N LYS A 59 -6.26 -8.17 -8.29
CA LYS A 59 -6.64 -6.82 -8.66
C LYS A 59 -5.53 -5.82 -8.41
N GLY A 60 -4.58 -6.16 -7.55
CA GLY A 60 -3.57 -5.21 -7.14
C GLY A 60 -4.08 -4.17 -6.16
N PHE A 61 -5.09 -4.53 -5.38
CA PHE A 61 -5.62 -3.70 -4.30
C PHE A 61 -5.03 -4.09 -2.93
N ASP A 62 -4.76 -3.08 -2.08
CA ASP A 62 -4.24 -3.33 -0.73
C ASP A 62 -5.35 -3.41 0.33
N GLN A 63 -6.63 -3.20 -0.07
CA GLN A 63 -7.72 -3.15 0.87
C GLN A 63 -9.06 -3.30 0.17
N ALA A 64 -10.08 -3.67 0.94
CA ALA A 64 -11.45 -3.70 0.43
C ALA A 64 -12.40 -3.58 1.57
N PRO A 65 -13.56 -2.96 1.30
CA PRO A 65 -14.61 -3.01 2.32
C PRO A 65 -15.13 -4.39 2.54
N VAL A 66 -15.48 -4.69 3.79
CA VAL A 66 -16.19 -5.95 4.13
C VAL A 66 -17.64 -5.58 4.44
N VAL A 67 -18.53 -6.23 3.71
CA VAL A 67 -19.92 -5.87 3.75
CA VAL A 67 -19.94 -5.87 3.64
C VAL A 67 -20.73 -7.14 3.97
N ASP A 68 -21.76 -7.03 4.78
CA ASP A 68 -22.57 -8.19 5.09
C ASP A 68 -23.66 -8.36 4.08
N GLU A 69 -24.45 -9.42 4.22
CA GLU A 69 -25.39 -9.82 3.16
C GLU A 69 -26.49 -8.79 3.05
N ALA A 70 -26.65 -7.95 4.07
CA ALA A 70 -27.66 -6.86 4.05
C ALA A 70 -27.10 -5.55 3.52
N GLY A 71 -25.85 -5.54 3.07
CA GLY A 71 -25.26 -4.32 2.54
C GLY A 71 -24.67 -3.44 3.60
N VAL A 72 -24.57 -3.91 4.86
CA VAL A 72 -23.94 -3.05 5.89
C VAL A 72 -22.42 -3.21 5.86
N ILE A 73 -21.73 -2.09 5.85
CA ILE A 73 -20.28 -2.05 5.91
C ILE A 73 -19.87 -2.40 7.33
N LEU A 74 -19.14 -3.51 7.47
CA LEU A 74 -18.59 -3.91 8.78
C LEU A 74 -17.23 -3.29 9.09
N GLY A 75 -16.50 -2.93 8.04
CA GLY A 75 -15.18 -2.34 8.17
C GLY A 75 -14.39 -2.57 6.90
N MET A 76 -13.06 -2.54 7.00
CA MET A 76 -12.19 -2.74 5.86
C MET A 76 -11.35 -3.99 6.17
N VAL A 77 -10.99 -4.74 5.13
CA VAL A 77 -9.83 -5.66 5.27
C VAL A 77 -8.64 -5.01 4.57
N THR A 78 -7.49 -5.01 5.23
CA THR A 78 -6.28 -4.44 4.61
C THR A 78 -5.19 -5.51 4.67
N LEU A 79 -4.28 -5.48 3.72
CA LEU A 79 -3.10 -6.33 3.73
C LEU A 79 -2.22 -6.14 4.96
N GLY A 80 -2.07 -4.88 5.38
CA GLY A 80 -1.26 -4.59 6.58
C GLY A 80 -1.86 -5.27 7.80
N ASN A 81 -3.16 -5.18 7.94
CA ASN A 81 -3.79 -5.72 9.08
C ASN A 81 -3.90 -7.22 9.03
N MET A 82 -4.09 -7.77 7.84
CA MET A 82 -4.04 -9.22 7.72
CA MET A 82 -4.06 -9.23 7.67
C MET A 82 -2.65 -9.73 8.08
N LEU A 83 -1.60 -9.07 7.57
CA LEU A 83 -0.24 -9.50 7.93
C LEU A 83 0.04 -9.43 9.44
N SER A 84 -0.31 -8.29 10.09
CA SER A 84 -0.19 -8.19 11.55
C SER A 84 -0.90 -9.30 12.25
N SER A 85 -2.15 -9.54 11.88
CA SER A 85 -2.91 -10.56 12.58
C SER A 85 -2.31 -11.94 12.38
N LEU A 86 -1.88 -12.26 11.17
CA LEU A 86 -1.18 -13.51 10.91
C LEU A 86 0.10 -13.64 11.80
N LEU A 87 0.92 -12.59 11.88
CA LEU A 87 2.15 -12.64 12.67
C LEU A 87 1.80 -12.86 14.16
N ALA A 88 0.71 -12.25 14.62
CA ALA A 88 0.31 -12.35 16.02
C ALA A 88 -0.29 -13.73 16.36
N GLY A 89 -0.44 -14.59 15.35
CA GLY A 89 -1.04 -15.92 15.57
C GLY A 89 -2.54 -15.89 15.73
N LYS A 90 -3.16 -14.79 15.37
CA LYS A 90 -4.59 -14.63 15.54
C LYS A 90 -5.47 -15.06 14.39
N VAL A 91 -4.95 -15.03 13.16
CA VAL A 91 -5.75 -15.46 12.02
C VAL A 91 -4.87 -16.37 11.20
N GLN A 92 -5.48 -17.31 10.52
CA GLN A 92 -4.83 -18.16 9.51
C GLN A 92 -5.50 -17.99 8.17
N PRO A 93 -4.84 -18.44 7.09
CA PRO A 93 -5.45 -18.30 5.74
C PRO A 93 -6.83 -18.95 5.60
N SER A 94 -7.06 -20.03 6.35
CA SER A 94 -8.30 -20.72 6.14
C SER A 94 -9.43 -20.14 7.03
N ASP A 95 -9.11 -19.18 7.93
CA ASP A 95 -10.14 -18.49 8.72
C ASP A 95 -10.97 -17.55 7.87
N GLN A 96 -12.20 -17.26 8.33
CA GLN A 96 -13.02 -16.20 7.71
C GLN A 96 -12.36 -14.83 7.87
N VAL A 97 -12.51 -14.04 6.82
CA VAL A 97 -11.98 -12.70 6.79
C VAL A 97 -12.66 -11.82 7.79
N GLY A 98 -13.90 -12.20 8.17
CA GLY A 98 -14.54 -11.47 9.26
C GLY A 98 -13.69 -11.37 10.53
N LYS A 99 -12.73 -12.27 10.71
CA LYS A 99 -11.85 -12.22 11.87
C LYS A 99 -10.86 -11.06 11.85
N VAL A 100 -10.64 -10.45 10.70
CA VAL A 100 -9.65 -9.38 10.58
C VAL A 100 -10.28 -8.12 9.96
N ILE A 101 -11.46 -7.75 10.45
CA ILE A 101 -12.12 -6.53 10.03
C ILE A 101 -11.49 -5.39 10.81
N TYR A 102 -11.08 -4.37 10.09
CA TYR A 102 -10.47 -3.22 10.64
C TYR A 102 -11.57 -2.13 10.59
N LYS A 103 -11.87 -1.52 11.74
CA LYS A 103 -13.06 -0.68 11.90
C LYS A 103 -12.74 0.82 11.93
N GLN A 104 -11.47 1.16 12.07
CA GLN A 104 -11.10 2.56 12.15
C GLN A 104 -10.36 2.96 10.89
N PHE A 105 -11.07 3.55 9.95
CA PHE A 105 -10.48 4.08 8.72
C PHE A 105 -11.16 5.40 8.47
N LYS A 106 -10.62 6.18 7.55
CA LYS A 106 -11.16 7.50 7.28
C LYS A 106 -12.17 7.46 6.18
N GLN A 107 -13.14 8.34 6.32
CA GLN A 107 -14.19 8.53 5.35
C GLN A 107 -14.03 9.93 4.82
N ILE A 108 -14.48 10.11 3.60
CA ILE A 108 -14.58 11.41 3.01
C ILE A 108 -15.82 11.47 2.15
N ARG A 109 -16.40 12.65 2.02
CA ARG A 109 -17.61 12.79 1.19
C ARG A 109 -17.26 12.98 -0.27
N LEU A 110 -18.19 12.58 -1.10
CA LEU A 110 -18.00 12.67 -2.52
C LEU A 110 -17.88 14.14 -2.94
N THR A 111 -18.44 15.00 -2.13
CA THR A 111 -18.45 16.45 -2.37
C THR A 111 -17.44 17.21 -1.51
N ASP A 112 -16.63 16.51 -0.73
CA ASP A 112 -15.54 17.15 0.05
C ASP A 112 -14.45 17.52 -1.00
N THR A 113 -13.49 18.37 -0.60
CA THR A 113 -12.40 18.78 -1.51
C THR A 113 -11.25 17.82 -1.67
N LEU A 114 -10.54 17.98 -2.77
CA LEU A 114 -9.32 17.33 -3.04
C LEU A 114 -8.26 17.76 -2.05
N GLY A 115 -8.37 18.99 -1.57
CA GLY A 115 -7.48 19.43 -0.51
C GLY A 115 -7.62 18.57 0.74
N ARG A 116 -8.86 18.44 1.24
CA ARG A 116 -9.12 17.56 2.39
C ARG A 116 -8.60 16.16 2.06
N LEU A 117 -8.87 15.68 0.86
CA LEU A 117 -8.44 14.31 0.48
C LEU A 117 -6.92 14.18 0.64
N SER A 118 -6.22 15.22 0.20
CA SER A 118 -4.77 15.16 0.18
C SER A 118 -4.23 15.03 1.58
N HIS A 119 -4.87 15.68 2.56
CA HIS A 119 -4.50 15.56 3.98
C HIS A 119 -4.69 14.13 4.47
N ILE A 120 -5.83 13.54 4.14
CA ILE A 120 -6.09 12.18 4.55
C ILE A 120 -5.04 11.27 3.94
N LEU A 121 -4.80 11.42 2.65
CA LEU A 121 -3.89 10.49 1.97
C LEU A 121 -2.47 10.60 2.46
N GLU A 122 -2.10 11.72 3.05
CA GLU A 122 -0.74 11.85 3.50
C GLU A 122 -0.54 11.04 4.77
N MET A 123 -1.61 10.85 5.53
CA MET A 123 -1.51 10.13 6.81
C MET A 123 -2.00 8.67 6.69
N ASP A 124 -2.97 8.43 5.83
CA ASP A 124 -3.51 7.07 5.62
C ASP A 124 -3.34 6.55 4.20
N HIS A 125 -3.45 5.24 4.00
CA HIS A 125 -3.17 4.77 2.66
CA HIS A 125 -3.19 4.58 2.70
C HIS A 125 -4.42 4.73 1.80
N PHE A 126 -5.57 5.07 2.39
CA PHE A 126 -6.83 5.13 1.62
C PHE A 126 -7.92 5.86 2.40
N ALA A 127 -9.01 6.16 1.71
CA ALA A 127 -10.22 6.61 2.41
C ALA A 127 -11.40 5.93 1.73
N LEU A 128 -12.49 5.78 2.47
CA LEU A 128 -13.77 5.35 1.86
C LEU A 128 -14.58 6.59 1.54
N VAL A 129 -15.01 6.68 0.30
CA VAL A 129 -15.74 7.81 -0.20
C VAL A 129 -17.22 7.50 -0.01
N VAL A 130 -17.90 8.44 0.63
CA VAL A 130 -19.28 8.27 1.13
CA VAL A 130 -19.30 8.23 1.01
C VAL A 130 -20.16 9.37 0.52
N HIS A 131 -21.45 9.07 0.37
CA HIS A 131 -22.40 10.08 -0.05
C HIS A 131 -23.71 9.89 0.67
N GLU A 132 -24.36 11.01 1.00
CA GLU A 132 -25.54 10.99 1.84
C GLU A 132 -26.78 10.96 0.96
N GLN A 133 -27.60 9.96 1.20
CA GLN A 133 -28.92 9.85 0.57
C GLN A 133 -29.89 9.67 1.69
N GLN A 134 -30.82 8.71 1.53
CA GLN A 134 -31.60 8.49 2.73
C GLN A 134 -30.84 7.77 3.86
N ARG A 135 -29.83 7.00 3.48
CA ARG A 135 -28.83 6.51 4.41
C ARG A 135 -27.47 6.91 3.86
N GLN A 136 -26.45 6.76 4.68
CA GLN A 136 -25.08 7.01 4.21
C GLN A 136 -24.54 5.82 3.41
N MET A 137 -24.23 6.11 2.16
CA MET A 137 -23.87 5.12 1.13
C MET A 137 -22.40 5.21 0.78
N VAL A 138 -21.78 4.04 0.50
CA VAL A 138 -20.41 4.00 0.02
C VAL A 138 -20.37 4.14 -1.48
N PHE A 139 -19.54 5.06 -1.96
CA PHE A 139 -19.35 5.33 -3.37
C PHE A 139 -18.19 4.53 -3.94
N GLY A 140 -17.06 4.51 -3.21
CA GLY A 140 -15.86 3.85 -3.71
C GLY A 140 -14.73 4.01 -2.73
N VAL A 141 -13.58 3.39 -3.07
CA VAL A 141 -12.34 3.60 -2.34
C VAL A 141 -11.57 4.72 -3.08
N VAL A 142 -10.69 5.44 -2.36
CA VAL A 142 -9.78 6.37 -3.02
C VAL A 142 -8.38 6.24 -2.39
N THR A 143 -7.38 6.29 -3.26
CA THR A 143 -5.99 6.15 -2.83
C THR A 143 -5.11 7.21 -3.57
N ALA A 144 -3.81 7.23 -3.26
CA ALA A 144 -2.98 8.29 -3.75
C ALA A 144 -2.99 8.36 -5.26
N ILE A 145 -2.89 7.22 -5.95
CA ILE A 145 -2.83 7.27 -7.40
C ILE A 145 -4.03 7.93 -8.04
N ASP A 146 -5.18 7.85 -7.39
CA ASP A 146 -6.38 8.46 -7.93
C ASP A 146 -6.22 9.98 -7.96
N LEU A 147 -5.66 10.53 -6.88
CA LEU A 147 -5.39 11.97 -6.83
C LEU A 147 -4.25 12.37 -7.78
N LEU A 148 -3.14 11.63 -7.71
CA LEU A 148 -1.99 11.86 -8.55
C LEU A 148 -2.29 11.87 -10.04
N ASN A 149 -3.08 10.88 -10.46
CA ASN A 149 -3.42 10.76 -11.85
C ASN A 149 -4.23 11.98 -12.32
N PHE A 150 -5.14 12.43 -11.47
CA PHE A 150 -5.98 13.55 -11.76
C PHE A 150 -5.16 14.79 -11.94
N VAL A 151 -4.30 15.06 -10.95
CA VAL A 151 -3.43 16.28 -10.99
C VAL A 151 -2.47 16.22 -12.19
N ALA A 152 -1.75 15.12 -12.33
CA ALA A 152 -0.89 14.91 -13.49
C ALA A 152 -1.55 15.09 -14.86
N ALA A 153 -2.74 14.48 -15.06
CA ALA A 153 -3.36 14.38 -16.37
C ALA A 153 -3.66 15.80 -16.86
N GLY B 10 -2.29 -4.59 25.25
CA GLY B 10 -1.96 -4.83 26.68
C GLY B 10 -1.57 -6.28 26.96
N VAL B 11 -2.55 -7.07 27.42
CA VAL B 11 -2.30 -8.45 27.81
C VAL B 11 -1.79 -9.27 26.62
N ASP B 12 -2.37 -9.06 25.42
CA ASP B 12 -1.91 -9.79 24.21
C ASP B 12 -0.48 -9.45 23.80
N LEU B 13 -0.16 -8.16 23.76
CA LEU B 13 1.25 -7.78 23.56
C LEU B 13 2.15 -8.50 24.61
N GLY B 14 1.67 -8.60 25.86
CA GLY B 14 2.45 -9.21 26.96
C GLY B 14 2.74 -10.64 26.66
N THR B 15 1.71 -11.36 26.22
CA THR B 15 1.86 -12.74 25.81
C THR B 15 2.83 -12.88 24.62
N GLU B 16 2.68 -11.99 23.63
CA GLU B 16 3.47 -12.13 22.37
C GLU B 16 4.94 -11.82 22.70
N ASN B 17 5.16 -10.90 23.65
CA ASN B 17 6.51 -10.60 24.12
C ASN B 17 7.14 -11.76 24.93
N LEU B 18 6.36 -12.30 25.87
CA LEU B 18 6.82 -13.38 26.71
C LEU B 18 7.22 -14.58 25.85
N TYR B 19 6.31 -14.97 24.92
CA TYR B 19 6.48 -16.16 24.11
C TYR B 19 6.87 -15.82 22.67
N PHE B 20 7.59 -14.71 22.49
CA PHE B 20 7.94 -14.25 21.16
C PHE B 20 8.67 -15.39 20.49
N GLN B 21 9.59 -16.06 21.20
CA GLN B 21 10.39 -17.08 20.51
C GLN B 21 9.51 -18.19 19.98
N SER B 22 8.54 -18.66 20.79
CA SER B 22 7.79 -19.82 20.39
C SER B 22 6.57 -19.48 19.54
N MET B 23 6.33 -18.20 19.39
CA MET B 23 5.32 -17.72 18.44
C MET B 23 5.87 -17.35 17.07
N LYS B 24 7.21 -17.47 16.90
CA LYS B 24 7.76 -17.19 15.60
C LYS B 24 7.16 -18.20 14.66
N PRO B 25 6.68 -17.74 13.50
CA PRO B 25 6.10 -18.64 12.49
C PRO B 25 7.08 -19.75 12.10
N TRP B 26 6.56 -20.89 11.69
CA TRP B 26 7.41 -21.93 11.12
C TRP B 26 8.28 -21.49 9.93
N TRP B 27 7.93 -20.36 9.28
CA TRP B 27 8.63 -19.95 8.06
C TRP B 27 9.59 -18.81 8.34
N TRP B 28 9.79 -18.49 9.61
CA TRP B 28 10.54 -17.25 10.02
C TRP B 28 11.94 -17.24 9.52
N HIS B 29 12.59 -18.41 9.55
CA HIS B 29 13.97 -18.54 9.06
C HIS B 29 14.15 -19.05 7.68
N LEU B 30 13.04 -19.21 6.97
CA LEU B 30 13.15 -19.42 5.54
C LEU B 30 13.66 -18.15 4.92
N ARG B 31 14.06 -18.21 3.66
CA ARG B 31 14.64 -16.99 3.02
C ARG B 31 13.68 -16.33 2.06
N VAL B 32 13.94 -15.05 1.78
CA VAL B 32 13.18 -14.29 0.81
C VAL B 32 13.11 -15.02 -0.53
N GLN B 33 14.08 -15.84 -0.83
CA GLN B 33 13.95 -16.52 -2.12
C GLN B 33 12.90 -17.58 -2.20
N GLU B 34 12.25 -17.93 -1.09
CA GLU B 34 11.07 -18.78 -1.19
C GLU B 34 9.95 -18.07 -1.96
N LEU B 35 9.99 -16.75 -2.04
CA LEU B 35 8.82 -16.00 -2.52
C LEU B 35 8.72 -15.99 -4.09
N GLY B 36 9.79 -16.30 -4.81
CA GLY B 36 9.77 -16.11 -6.27
C GLY B 36 9.04 -14.83 -6.75
N LEU B 37 9.75 -13.74 -6.90
CA LEU B 37 9.13 -12.41 -7.11
C LEU B 37 8.75 -12.02 -8.60
N SER B 38 8.23 -10.82 -8.91
CA SER B 38 8.20 -10.42 -10.38
C SER B 38 9.57 -9.88 -10.86
N ALA B 39 9.77 -9.94 -12.18
CA ALA B 39 10.81 -9.12 -12.84
C ALA B 39 10.58 -7.65 -12.45
N PRO B 40 11.62 -6.90 -12.07
CA PRO B 40 11.26 -5.53 -11.62
C PRO B 40 11.01 -4.50 -12.73
N LEU B 41 10.03 -3.62 -12.54
CA LEU B 41 9.90 -2.46 -13.42
C LEU B 41 10.69 -1.31 -12.79
N THR B 42 11.72 -0.87 -13.51
CA THR B 42 12.60 0.20 -13.06
C THR B 42 12.39 1.37 -14.01
N VAL B 43 12.78 2.55 -13.57
CA VAL B 43 12.79 3.74 -14.41
C VAL B 43 14.16 4.42 -14.32
N LEU B 44 14.53 5.10 -15.41
CA LEU B 44 15.64 6.01 -15.39
C LEU B 44 15.23 7.32 -14.71
N PRO B 45 16.21 8.07 -14.21
CA PRO B 45 15.94 9.37 -13.53
C PRO B 45 15.52 10.48 -14.48
N THR B 46 15.61 10.22 -15.78
CA THR B 46 15.22 11.22 -16.77
C THR B 46 13.79 11.15 -17.24
N ILE B 47 13.04 10.10 -16.93
CA ILE B 47 11.64 10.22 -17.25
C ILE B 47 10.93 11.15 -16.27
N THR B 48 9.80 11.70 -16.72
CA THR B 48 9.12 12.68 -15.94
C THR B 48 8.35 12.05 -14.82
N CYS B 49 7.95 12.90 -13.87
CA CYS B 49 7.08 12.46 -12.80
C CYS B 49 5.70 12.06 -13.33
N GLY B 50 5.16 12.83 -14.28
CA GLY B 50 3.86 12.46 -14.87
C GLY B 50 3.91 11.13 -15.61
N HIS B 51 4.97 10.86 -16.34
CA HIS B 51 5.07 9.59 -17.03
C HIS B 51 5.27 8.45 -16.01
N THR B 52 6.02 8.71 -14.95
CA THR B 52 6.18 7.74 -13.85
C THR B 52 4.82 7.38 -13.22
N ILE B 53 4.02 8.41 -12.99
CA ILE B 53 2.68 8.20 -12.44
C ILE B 53 1.80 7.35 -13.37
N GLU B 54 1.89 7.59 -14.67
CA GLU B 54 1.14 6.80 -15.67
C GLU B 54 1.56 5.33 -15.63
N ILE B 55 2.86 5.11 -15.68
CA ILE B 55 3.41 3.72 -15.62
C ILE B 55 2.99 2.97 -14.36
N LEU B 56 3.16 3.60 -13.21
CA LEU B 56 2.75 2.99 -11.94
C LEU B 56 1.22 2.78 -11.86
N ARG B 57 0.42 3.69 -12.44
CA ARG B 57 -0.99 3.51 -12.47
C ARG B 57 -1.37 2.27 -13.32
N GLU B 58 -0.70 2.12 -14.46
CA GLU B 58 -1.06 1.05 -15.40
C GLU B 58 -0.75 -0.32 -14.76
N LYS B 59 0.36 -0.41 -14.05
CA LYS B 59 0.80 -1.67 -13.40
C LYS B 59 0.12 -1.94 -12.06
N GLY B 60 -0.38 -0.89 -11.39
CA GLY B 60 -0.85 -1.07 -10.02
C GLY B 60 0.24 -1.16 -8.99
N PHE B 61 1.38 -0.53 -9.27
CA PHE B 61 2.48 -0.51 -8.32
C PHE B 61 2.49 0.82 -7.60
N ASP B 62 2.94 0.83 -6.36
CA ASP B 62 3.11 2.03 -5.60
C ASP B 62 4.54 2.61 -5.59
N GLN B 63 5.48 1.89 -6.23
CA GLN B 63 6.88 2.24 -6.14
C GLN B 63 7.63 1.52 -7.25
N ALA B 64 8.75 2.11 -7.64
CA ALA B 64 9.66 1.49 -8.55
C ALA B 64 11.08 1.89 -8.22
N PRO B 65 12.03 1.01 -8.53
CA PRO B 65 13.45 1.48 -8.45
C PRO B 65 13.80 2.47 -9.52
N VAL B 66 14.67 3.44 -9.18
CA VAL B 66 15.26 4.36 -10.16
C VAL B 66 16.70 3.95 -10.31
N VAL B 67 17.04 3.55 -11.52
CA VAL B 67 18.35 3.09 -11.86
C VAL B 67 18.98 3.98 -12.94
N ASP B 68 20.30 3.84 -13.06
CA ASP B 68 21.03 4.59 -14.10
C ASP B 68 21.14 3.76 -15.36
N GLU B 69 21.85 4.30 -16.33
CA GLU B 69 21.94 3.74 -17.65
C GLU B 69 22.69 2.36 -17.64
N ALA B 70 23.37 2.07 -16.55
CA ALA B 70 24.06 0.79 -16.38
C ALA B 70 23.31 -0.18 -15.49
N GLY B 71 22.12 0.21 -15.01
CA GLY B 71 21.36 -0.58 -14.07
C GLY B 71 21.69 -0.43 -12.59
N VAL B 72 22.54 0.53 -12.24
CA VAL B 72 22.93 0.73 -10.86
C VAL B 72 21.84 1.48 -10.13
N ILE B 73 21.48 1.00 -8.98
CA ILE B 73 20.38 1.57 -8.21
C ILE B 73 20.77 2.97 -7.75
N LEU B 74 19.85 3.92 -7.99
CA LEU B 74 20.00 5.28 -7.47
C LEU B 74 19.08 5.45 -6.27
N GLY B 75 17.93 4.76 -6.27
CA GLY B 75 17.01 4.79 -5.14
C GLY B 75 15.67 4.29 -5.60
N MET B 76 14.59 4.85 -5.02
CA MET B 76 13.20 4.44 -5.37
C MET B 76 12.39 5.69 -5.66
N VAL B 77 11.37 5.55 -6.48
CA VAL B 77 10.32 6.54 -6.58
C VAL B 77 9.06 5.90 -5.99
N THR B 78 8.40 6.61 -5.07
CA THR B 78 7.18 6.08 -4.50
C THR B 78 6.04 7.06 -4.73
N LEU B 79 4.83 6.53 -4.76
CA LEU B 79 3.66 7.40 -4.86
C LEU B 79 3.48 8.32 -3.66
N GLY B 80 3.75 7.83 -2.45
CA GLY B 80 3.58 8.60 -1.27
C GLY B 80 4.55 9.77 -1.25
N ASN B 81 5.80 9.51 -1.62
CA ASN B 81 6.79 10.61 -1.66
C ASN B 81 6.58 11.57 -2.85
N MET B 82 6.09 11.07 -3.98
CA MET B 82 5.71 11.90 -5.08
C MET B 82 4.57 12.85 -4.63
N LEU B 83 3.57 12.28 -3.95
CA LEU B 83 2.46 13.11 -3.49
C LEU B 83 2.99 14.21 -2.57
N SER B 84 3.76 13.83 -1.58
CA SER B 84 4.28 14.85 -0.66
C SER B 84 5.06 15.93 -1.39
N SER B 85 5.87 15.52 -2.36
CA SER B 85 6.73 16.41 -3.11
C SER B 85 5.96 17.36 -4.01
N LEU B 86 4.88 16.83 -4.57
CA LEU B 86 3.96 17.66 -5.32
C LEU B 86 3.25 18.69 -4.38
N LEU B 87 2.77 18.24 -3.22
CA LEU B 87 2.09 19.10 -2.26
C LEU B 87 3.03 20.23 -1.78
N ALA B 88 4.29 19.91 -1.65
CA ALA B 88 5.27 20.89 -1.12
C ALA B 88 5.78 21.78 -2.24
N GLY B 89 5.32 21.53 -3.45
CA GLY B 89 5.78 22.28 -4.61
C GLY B 89 7.23 22.03 -5.01
N LYS B 90 7.80 20.87 -4.65
CA LYS B 90 9.19 20.54 -4.99
C LYS B 90 9.28 20.13 -6.47
N VAL B 91 8.23 19.51 -6.97
CA VAL B 91 8.21 19.12 -8.35
C VAL B 91 6.84 19.44 -8.92
N GLN B 92 6.80 19.54 -10.23
CA GLN B 92 5.54 19.44 -10.95
C GLN B 92 5.64 18.25 -11.94
N PRO B 93 4.53 17.88 -12.56
CA PRO B 93 4.54 16.66 -13.35
C PRO B 93 5.57 16.58 -14.47
N SER B 94 5.90 17.71 -15.11
CA SER B 94 6.97 17.71 -16.16
C SER B 94 8.41 17.57 -15.63
N ASP B 95 8.64 17.69 -14.32
CA ASP B 95 9.99 17.50 -13.74
C ASP B 95 10.45 16.06 -13.87
N GLN B 96 11.76 15.88 -14.08
CA GLN B 96 12.39 14.54 -14.04
C GLN B 96 12.23 13.91 -12.67
N VAL B 97 11.96 12.58 -12.70
CA VAL B 97 11.79 11.81 -11.51
C VAL B 97 13.04 11.72 -10.70
N GLY B 98 14.18 12.00 -11.35
CA GLY B 98 15.45 12.23 -10.66
C GLY B 98 15.37 13.28 -9.55
N LYS B 99 14.40 14.20 -9.63
CA LYS B 99 14.21 15.16 -8.57
C LYS B 99 13.57 14.61 -7.28
N VAL B 100 12.95 13.40 -7.35
CA VAL B 100 12.30 12.80 -6.22
C VAL B 100 12.74 11.36 -6.05
N ILE B 101 14.04 11.15 -6.16
CA ILE B 101 14.63 9.86 -5.74
C ILE B 101 14.64 9.71 -4.22
N TYR B 102 13.91 8.73 -3.73
CA TYR B 102 13.75 8.48 -2.33
C TYR B 102 14.80 7.46 -1.91
N LYS B 103 15.47 7.73 -0.80
CA LYS B 103 16.60 6.93 -0.38
C LYS B 103 16.44 6.24 0.98
N GLN B 104 15.32 6.49 1.64
CA GLN B 104 15.11 6.08 3.05
C GLN B 104 14.23 4.80 3.06
N PHE B 105 14.60 3.89 2.17
CA PHE B 105 13.91 2.58 2.11
C PHE B 105 14.93 1.53 2.52
N LYS B 106 14.50 0.28 2.61
CA LYS B 106 15.40 -0.80 3.04
C LYS B 106 15.66 -1.73 1.91
N GLN B 107 16.93 -2.11 1.73
CA GLN B 107 17.31 -3.15 0.75
C GLN B 107 17.53 -4.45 1.51
N ILE B 108 17.19 -5.55 0.85
CA ILE B 108 17.45 -6.86 1.41
C ILE B 108 17.88 -7.78 0.30
N ARG B 109 18.43 -8.94 0.69
CA ARG B 109 18.86 -9.96 -0.31
C ARG B 109 17.98 -11.19 -0.28
N LEU B 110 18.07 -12.06 -1.31
CA LEU B 110 17.30 -13.24 -1.40
C LEU B 110 17.65 -14.10 -0.20
N THR B 111 18.88 -13.99 0.30
CA THR B 111 19.23 -14.87 1.46
C THR B 111 18.78 -14.35 2.83
N ASP B 112 18.27 -13.12 2.89
CA ASP B 112 17.72 -12.58 4.14
C ASP B 112 16.47 -13.40 4.52
N THR B 113 16.29 -13.55 5.83
CA THR B 113 15.13 -14.30 6.35
C THR B 113 13.79 -13.60 6.09
N LEU B 114 12.75 -14.42 6.02
CA LEU B 114 11.36 -13.90 6.00
C LEU B 114 11.02 -13.14 7.29
N GLY B 115 11.65 -13.48 8.40
CA GLY B 115 11.55 -12.73 9.63
C GLY B 115 12.07 -11.31 9.48
N ARG B 116 13.28 -11.14 8.93
CA ARG B 116 13.77 -9.80 8.63
C ARG B 116 12.83 -9.06 7.69
N LEU B 117 12.35 -9.76 6.67
CA LEU B 117 11.42 -9.14 5.77
C LEU B 117 10.16 -8.66 6.52
N SER B 118 9.63 -9.49 7.41
CA SER B 118 8.41 -9.15 8.18
C SER B 118 8.57 -7.88 9.00
N HIS B 119 9.74 -7.75 9.69
CA HIS B 119 10.00 -6.52 10.41
C HIS B 119 9.97 -5.31 9.49
N ILE B 120 10.61 -5.43 8.36
CA ILE B 120 10.64 -4.31 7.37
C ILE B 120 9.24 -3.98 6.88
N LEU B 121 8.44 -5.00 6.56
CA LEU B 121 7.10 -4.75 6.03
C LEU B 121 6.13 -4.23 7.06
N GLU B 122 6.43 -4.45 8.32
CA GLU B 122 5.62 -3.89 9.41
C GLU B 122 5.76 -2.39 9.51
N MET B 123 6.92 -1.87 9.10
CA MET B 123 7.12 -0.45 9.18
CA MET B 123 7.29 -0.47 9.17
C MET B 123 7.07 0.25 7.83
N ASP B 124 7.41 -0.42 6.76
CA ASP B 124 7.54 0.26 5.46
C ASP B 124 6.61 -0.44 4.50
N HIS B 125 6.42 0.17 3.35
CA HIS B 125 5.40 -0.49 2.45
C HIS B 125 6.03 -1.53 1.52
N PHE B 126 7.34 -1.70 1.58
CA PHE B 126 8.06 -2.48 0.60
C PHE B 126 9.49 -2.64 1.05
N ALA B 127 10.17 -3.58 0.41
CA ALA B 127 11.62 -3.62 0.47
C ALA B 127 12.15 -3.79 -0.96
N LEU B 128 13.38 -3.34 -1.19
CA LEU B 128 14.07 -3.60 -2.43
C LEU B 128 14.98 -4.79 -2.30
N VAL B 129 14.71 -5.83 -3.09
CA VAL B 129 15.57 -7.02 -3.11
C VAL B 129 16.69 -6.85 -4.15
N VAL B 130 17.91 -6.91 -3.66
CA VAL B 130 19.08 -6.72 -4.51
C VAL B 130 19.74 -8.07 -4.74
N HIS B 131 20.66 -8.04 -5.70
CA HIS B 131 21.37 -9.30 -6.09
C HIS B 131 22.36 -9.66 -4.98
N GLU B 132 22.46 -10.97 -4.71
CA GLU B 132 23.13 -11.45 -3.51
CA GLU B 132 23.13 -11.43 -3.51
C GLU B 132 24.55 -10.89 -3.37
N GLN B 133 25.33 -10.91 -4.45
CA GLN B 133 26.73 -10.48 -4.41
C GLN B 133 26.98 -9.13 -5.08
N GLN B 134 25.87 -8.53 -5.56
CA GLN B 134 25.91 -7.33 -6.36
C GLN B 134 24.75 -6.41 -5.88
N ARG B 135 25.00 -5.82 -4.74
CA ARG B 135 23.95 -5.10 -4.00
C ARG B 135 23.56 -3.79 -4.75
N GLN B 136 24.36 -3.40 -5.75
CA GLN B 136 24.05 -2.26 -6.64
C GLN B 136 23.00 -2.52 -7.73
N MET B 137 22.56 -3.78 -7.85
CA MET B 137 21.58 -4.14 -8.83
C MET B 137 20.34 -4.69 -8.20
N VAL B 138 19.24 -4.35 -8.84
CA VAL B 138 17.88 -4.75 -8.41
C VAL B 138 17.60 -6.19 -8.81
N PHE B 139 17.20 -7.00 -7.83
CA PHE B 139 16.64 -8.31 -8.08
C PHE B 139 15.13 -8.25 -8.24
N GLY B 140 14.48 -7.53 -7.35
CA GLY B 140 13.01 -7.41 -7.44
C GLY B 140 12.52 -6.54 -6.27
N VAL B 141 11.24 -6.20 -6.31
CA VAL B 141 10.56 -5.50 -5.24
C VAL B 141 9.78 -6.56 -4.47
N VAL B 142 9.63 -6.36 -3.17
CA VAL B 142 8.77 -7.24 -2.36
C VAL B 142 7.85 -6.45 -1.44
N THR B 143 6.59 -6.81 -1.46
CA THR B 143 5.58 -6.15 -0.62
C THR B 143 4.72 -7.16 0.14
N ALA B 144 3.80 -6.67 0.98
CA ALA B 144 3.01 -7.56 1.83
C ALA B 144 2.29 -8.71 1.13
N ILE B 145 1.72 -8.41 -0.02
CA ILE B 145 1.01 -9.48 -0.73
C ILE B 145 1.91 -10.64 -1.21
N ASP B 146 3.19 -10.37 -1.43
CA ASP B 146 4.11 -11.48 -1.75
C ASP B 146 4.29 -12.47 -0.58
N LEU B 147 4.43 -11.95 0.63
CA LEU B 147 4.55 -12.79 1.81
C LEU B 147 3.23 -13.47 2.15
N LEU B 148 2.13 -12.71 2.04
CA LEU B 148 0.79 -13.28 2.30
C LEU B 148 0.46 -14.38 1.32
N ASN B 149 0.87 -14.19 0.08
CA ASN B 149 0.55 -15.17 -0.92
CA ASN B 149 0.61 -15.18 -0.99
C ASN B 149 1.29 -16.49 -0.62
N PHE B 150 2.56 -16.40 -0.25
CA PHE B 150 3.33 -17.58 0.18
C PHE B 150 2.68 -18.31 1.38
N VAL B 151 2.29 -17.56 2.39
CA VAL B 151 1.73 -18.23 3.57
C VAL B 151 0.38 -18.89 3.24
N ALA B 152 -0.47 -18.24 2.41
CA ALA B 152 -1.73 -18.82 2.02
C ALA B 152 -1.50 -20.04 1.14
N ALA B 153 -0.49 -19.98 0.28
CA ALA B 153 -0.13 -21.13 -0.59
C ALA B 153 0.24 -22.32 0.27
N GLN B 154 0.95 -22.05 1.36
CA GLN B 154 1.58 -23.13 2.11
C GLN B 154 0.65 -23.68 3.15
N GLU B 155 -0.31 -22.90 3.58
CA GLU B 155 -1.27 -23.32 4.59
C GLU B 155 -2.69 -23.47 4.05
#